data_4H10
#
_entry.id   4H10
#
_cell.length_a   98.740
_cell.length_b   98.740
_cell.length_c   62.880
_cell.angle_alpha   90.00
_cell.angle_beta   90.00
_cell.angle_gamma   120.00
#
_symmetry.space_group_name_H-M   'P 31 2 1'
#
loop_
_entity.id
_entity.type
_entity.pdbx_description
1 polymer 'Aryl hydrocarbon receptor nuclear translocator-like protein 1'
2 polymer 'Circadian locomoter output cycles protein kaput'
3 polymer 'E-box DNA sense strand'
4 polymer 'E-box DNA antisense strand'
5 water water
#
loop_
_entity_poly.entity_id
_entity_poly.type
_entity_poly.pdbx_seq_one_letter_code
_entity_poly.pdbx_strand_id
1 'polypeptide(L)' MHQGRIKNAREAHSQIEKRRRDKMNSFIDELASLVPTCNAMSRKLDKLTVLRMAVQHMKTLRGAWLEHHHHHH A
2 'polypeptide(L)' MDDKDKAKRVSRNKSEKKRRDQFNVLIKELGSMLPGNARKMDKSTVLQKSIDFLRKHKEITAWLEHHHHHH B
3 'polydeoxyribonucleotide' (DA)(DG)(DG)(DA)(DA)(DC)(DA)(DC)(DG)(DT)(DG)(DA)(DC)(DC)(DC) C
4 'polydeoxyribonucleotide' (DT)(DG)(DG)(DG)(DT)(DC)(DA)(DC)(DG)(DT)(DG)(DT)(DT)(DC)(DC) D
#
# COMPACT_ATOMS: atom_id res chain seq x y z
N ARG A 5 31.38 8.93 17.19
CA ARG A 5 32.08 8.43 16.02
C ARG A 5 31.14 7.63 15.12
N ILE A 6 30.53 6.59 15.69
CA ILE A 6 29.57 5.77 14.96
C ILE A 6 28.17 6.34 15.07
N LYS A 7 28.09 7.63 15.41
CA LYS A 7 26.82 8.35 15.37
C LYS A 7 26.37 8.42 13.93
N ASN A 8 27.34 8.60 13.04
CA ASN A 8 27.10 8.57 11.60
C ASN A 8 26.35 7.31 11.21
N ALA A 9 26.74 6.19 11.81
CA ALA A 9 26.15 4.89 11.50
C ALA A 9 24.64 4.83 11.81
N ARG A 10 24.24 5.47 12.91
CA ARG A 10 22.86 5.42 13.34
C ARG A 10 22.02 6.25 12.39
N GLU A 11 22.59 7.37 11.95
CA GLU A 11 21.89 8.29 11.07
C GLU A 11 21.78 7.66 9.70
N ALA A 12 22.80 6.90 9.33
CA ALA A 12 22.78 6.12 8.10
C ALA A 12 21.57 5.20 8.12
N HIS A 13 21.44 4.46 9.23
CA HIS A 13 20.37 3.49 9.40
C HIS A 13 19.02 4.19 9.33
N SER A 14 18.85 5.21 10.15
CA SER A 14 17.61 5.96 10.15
C SER A 14 17.31 6.61 8.78
N GLN A 15 18.33 6.87 7.97
CA GLN A 15 18.09 7.38 6.62
C GLN A 15 17.60 6.28 5.66
N ILE A 16 18.28 5.15 5.67
CA ILE A 16 17.78 3.95 5.01
C ILE A 16 16.28 3.78 5.31
N GLU A 17 15.93 3.92 6.58
CA GLU A 17 14.57 3.72 7.05
C GLU A 17 13.58 4.74 6.45
N LYS A 18 13.96 6.00 6.42
CA LYS A 18 13.14 7.01 5.79
C LYS A 18 12.99 6.80 4.26
N ARG A 19 14.04 6.33 3.61
CA ARG A 19 13.97 6.04 2.18
C ARG A 19 12.89 5.01 1.89
N ARG A 20 12.75 4.01 2.77
CA ARG A 20 11.73 2.99 2.56
C ARG A 20 10.31 3.56 2.76
N ARG A 21 10.13 4.31 3.85
CA ARG A 21 8.85 4.93 4.12
C ARG A 21 8.42 5.80 2.95
N ASP A 22 9.36 6.58 2.43
CA ASP A 22 9.05 7.49 1.33
C ASP A 22 8.66 6.73 0.07
N LYS A 23 9.31 5.61 -0.17
CA LYS A 23 9.03 4.79 -1.34
C LYS A 23 7.61 4.20 -1.24
N MET A 24 7.29 3.62 -0.09
CA MET A 24 5.95 3.08 0.14
C MET A 24 4.87 4.13 -0.03
N ASN A 25 5.08 5.31 0.55
CA ASN A 25 4.12 6.40 0.35
C ASN A 25 3.90 6.76 -1.12
N SER A 26 4.96 6.85 -1.90
CA SER A 26 4.80 7.16 -3.32
C SER A 26 4.04 6.06 -4.02
N PHE A 27 4.30 4.81 -3.63
CA PHE A 27 3.59 3.70 -4.21
C PHE A 27 2.11 3.80 -3.84
N ILE A 28 1.83 4.18 -2.60
CA ILE A 28 0.44 4.34 -2.17
C ILE A 28 -0.29 5.41 -2.98
N ASP A 29 0.35 6.55 -3.17
CA ASP A 29 -0.19 7.60 -4.04
C ASP A 29 -0.42 7.13 -5.47
N GLU A 30 0.53 6.35 -5.98
CA GLU A 30 0.47 5.93 -7.37
C GLU A 30 -0.66 4.95 -7.53
N LEU A 31 -0.81 4.06 -6.56
CA LEU A 31 -1.91 3.13 -6.53
C LEU A 31 -3.25 3.87 -6.50
N ALA A 32 -3.35 4.90 -5.66
CA ALA A 32 -4.58 5.67 -5.55
C ALA A 32 -4.92 6.32 -6.89
N SER A 33 -3.91 6.76 -7.63
CA SER A 33 -4.17 7.41 -8.92
C SER A 33 -4.79 6.41 -9.88
N LEU A 34 -4.63 5.12 -9.61
CA LEU A 34 -5.09 4.06 -10.50
C LEU A 34 -6.44 3.49 -10.09
N VAL A 35 -6.93 3.92 -8.93
CA VAL A 35 -8.24 3.49 -8.47
C VAL A 35 -9.22 4.65 -8.62
N PRO A 36 -10.11 4.57 -9.61
CA PRO A 36 -11.05 5.63 -10.00
C PRO A 36 -11.76 6.35 -8.84
N THR A 37 -12.31 5.63 -7.86
CA THR A 37 -12.94 6.31 -6.74
C THR A 37 -11.95 7.21 -5.96
N CYS A 38 -10.70 6.78 -5.81
CA CYS A 38 -9.69 7.62 -5.14
C CYS A 38 -9.33 8.81 -6.01
N ASN A 39 -8.94 8.51 -7.24
CA ASN A 39 -8.68 9.53 -8.23
C ASN A 39 -9.74 10.66 -8.23
N ALA A 40 -11.02 10.31 -8.18
CA ALA A 40 -12.11 11.29 -8.28
C ALA A 40 -12.24 12.17 -7.05
N MET A 41 -11.20 12.21 -6.22
CA MET A 41 -11.31 12.78 -4.89
C MET A 41 -10.56 14.10 -4.71
N SER A 42 -11.20 15.05 -4.04
CA SER A 42 -10.53 16.31 -3.74
C SER A 42 -9.63 16.20 -2.50
N ARG A 43 -10.20 15.76 -1.38
CA ARG A 43 -9.37 15.49 -0.21
C ARG A 43 -8.63 14.19 -0.42
N LYS A 44 -7.33 14.17 -0.12
CA LYS A 44 -6.57 12.93 -0.13
C LYS A 44 -7.13 11.97 0.90
N LEU A 45 -7.34 10.72 0.50
CA LEU A 45 -7.78 9.68 1.42
C LEU A 45 -6.62 9.14 2.23
N ASP A 46 -6.92 8.62 3.41
CA ASP A 46 -5.88 8.00 4.23
C ASP A 46 -5.41 6.67 3.63
N LYS A 47 -4.26 6.20 4.11
CA LYS A 47 -3.55 5.07 3.51
C LYS A 47 -4.31 3.75 3.59
N LEU A 48 -4.99 3.51 4.70
CA LEU A 48 -5.80 2.30 4.84
C LEU A 48 -6.98 2.30 3.86
N THR A 49 -7.68 3.41 3.76
CA THR A 49 -8.75 3.51 2.79
C THR A 49 -8.26 3.24 1.36
N VAL A 50 -7.13 3.84 1.00
CA VAL A 50 -6.58 3.63 -0.33
C VAL A 50 -6.35 2.15 -0.57
N LEU A 51 -5.82 1.46 0.43
CA LEU A 51 -5.60 0.04 0.30
C LEU A 51 -6.94 -0.71 0.18
N ARG A 52 -7.89 -0.37 1.05
CA ARG A 52 -9.20 -0.99 0.99
C ARG A 52 -9.87 -0.73 -0.36
N MET A 53 -9.81 0.50 -0.84
CA MET A 53 -10.39 0.79 -2.16
C MET A 53 -9.71 0.05 -3.30
N ALA A 54 -8.40 -0.10 -3.23
CA ALA A 54 -7.67 -0.87 -4.23
C ALA A 54 -8.04 -2.37 -4.27
N VAL A 55 -8.20 -3.04 -3.12
CA VAL A 55 -8.63 -4.44 -3.22
C VAL A 55 -10.09 -4.53 -3.67
N GLN A 56 -10.92 -3.61 -3.19
CA GLN A 56 -12.29 -3.52 -3.68
C GLN A 56 -12.28 -3.42 -5.20
N HIS A 57 -11.48 -2.51 -5.73
CA HIS A 57 -11.38 -2.32 -7.18
C HIS A 57 -10.97 -3.60 -7.91
N MET A 58 -10.10 -4.38 -7.28
CA MET A 58 -9.61 -5.59 -7.94
C MET A 58 -10.67 -6.70 -8.01
N LYS A 59 -11.51 -6.79 -6.98
CA LYS A 59 -12.58 -7.78 -6.97
C LYS A 59 -13.63 -7.38 -7.99
N THR A 60 -13.65 -6.09 -8.29
CA THR A 60 -14.54 -5.53 -9.28
C THR A 60 -14.16 -6.02 -10.68
N LEU A 61 -12.88 -6.24 -10.90
CA LEU A 61 -12.37 -6.52 -12.25
C LEU A 61 -12.63 -7.95 -12.70
N ARG A 62 -12.37 -8.89 -11.81
CA ARG A 62 -12.59 -10.30 -12.09
C ARG A 62 -14.03 -10.59 -12.53
N GLY A 63 -14.95 -9.71 -12.19
CA GLY A 63 -16.33 -9.83 -12.65
C GLY A 63 -16.55 -9.14 -13.98
N ALA A 64 -16.31 -9.85 -15.08
CA ALA A 64 -16.46 -9.29 -16.43
C ALA A 64 -17.50 -10.03 -17.28
N LYS B 4 1.74 7.85 36.30
CA LYS B 4 0.42 7.23 36.23
C LYS B 4 -0.28 7.56 34.90
N ASP B 5 0.52 7.93 33.90
CA ASP B 5 0.02 8.19 32.55
C ASP B 5 0.35 7.04 31.61
N LYS B 6 0.90 5.98 32.19
CA LYS B 6 1.20 4.76 31.44
C LYS B 6 -0.04 4.23 30.73
N ALA B 7 -1.19 4.41 31.38
CA ALA B 7 -2.46 3.92 30.83
C ALA B 7 -2.76 4.49 29.44
N LYS B 8 -2.57 5.80 29.29
CA LYS B 8 -2.82 6.46 28.01
C LYS B 8 -1.76 6.06 26.97
N ARG B 9 -0.49 6.07 27.36
CA ARG B 9 0.59 5.62 26.48
C ARG B 9 0.32 4.20 25.97
N VAL B 10 -0.01 3.31 26.91
CA VAL B 10 -0.27 1.91 26.60
C VAL B 10 -1.43 1.76 25.63
N SER B 11 -2.48 2.54 25.86
CA SER B 11 -3.66 2.50 25.04
C SER B 11 -3.33 3.02 23.65
N ARG B 12 -2.48 4.03 23.60
CA ARG B 12 -2.10 4.64 22.33
C ARG B 12 -1.24 3.67 21.52
N ASN B 13 -0.38 2.94 22.21
CA ASN B 13 0.43 1.90 21.58
C ASN B 13 -0.44 0.81 20.97
N LYS B 14 -1.47 0.39 21.71
CA LYS B 14 -2.46 -0.59 21.21
C LYS B 14 -3.16 -0.09 19.94
N SER B 15 -3.50 1.19 19.94
CA SER B 15 -4.22 1.81 18.83
C SER B 15 -3.33 1.88 17.59
N GLU B 16 -2.08 2.25 17.80
CA GLU B 16 -1.12 2.35 16.71
C GLU B 16 -0.86 0.97 16.13
N LYS B 17 -0.73 -0.03 16.99
CA LYS B 17 -0.45 -1.39 16.54
C LYS B 17 -1.58 -1.92 15.68
N LYS B 18 -2.81 -1.55 16.02
CA LYS B 18 -3.97 -2.00 15.27
C LYS B 18 -3.97 -1.44 13.84
N ARG B 19 -3.54 -0.19 13.68
CA ARG B 19 -3.44 0.36 12.33
C ARG B 19 -2.35 -0.37 11.55
N ARG B 20 -1.20 -0.59 12.19
CA ARG B 20 -0.07 -1.24 11.52
C ARG B 20 -0.52 -2.62 11.04
N ASP B 21 -1.34 -3.28 11.85
CA ASP B 21 -1.77 -4.63 11.55
C ASP B 21 -2.82 -4.68 10.45
N GLN B 22 -3.71 -3.70 10.44
CA GLN B 22 -4.71 -3.61 9.40
C GLN B 22 -4.01 -3.39 8.09
N PHE B 23 -2.93 -2.62 8.16
CA PHE B 23 -2.14 -2.28 6.99
C PHE B 23 -1.46 -3.53 6.42
N ASN B 24 -0.84 -4.33 7.29
CA ASN B 24 -0.24 -5.59 6.84
C ASN B 24 -1.27 -6.56 6.28
N VAL B 25 -2.42 -6.67 6.96
CA VAL B 25 -3.52 -7.47 6.47
C VAL B 25 -3.92 -7.05 5.05
N LEU B 26 -4.08 -5.74 4.81
CA LEU B 26 -4.43 -5.25 3.47
C LEU B 26 -3.37 -5.62 2.43
N ILE B 27 -2.10 -5.42 2.79
CA ILE B 27 -1.00 -5.80 1.90
C ILE B 27 -1.08 -7.27 1.51
N LYS B 28 -1.23 -8.15 2.50
CA LYS B 28 -1.25 -9.58 2.23
C LYS B 28 -2.40 -9.92 1.28
N GLU B 29 -3.53 -9.23 1.45
CA GLU B 29 -4.67 -9.45 0.60
C GLU B 29 -4.45 -8.97 -0.85
N LEU B 30 -3.81 -7.81 -1.03
CA LEU B 30 -3.44 -7.33 -2.37
C LEU B 30 -2.54 -8.37 -3.05
N GLY B 31 -1.59 -8.90 -2.28
CA GLY B 31 -0.64 -9.84 -2.84
C GLY B 31 -1.27 -11.16 -3.22
N SER B 32 -2.27 -11.59 -2.46
CA SER B 32 -2.89 -12.89 -2.70
C SER B 32 -3.77 -12.80 -3.94
N MET B 33 -3.75 -11.64 -4.57
CA MET B 33 -4.70 -11.32 -5.62
C MET B 33 -4.02 -11.08 -6.95
N LEU B 34 -2.70 -10.90 -6.89
CA LEU B 34 -1.90 -10.60 -8.03
C LEU B 34 -1.74 -11.84 -8.90
N PRO B 35 -1.60 -11.64 -10.22
CA PRO B 35 -1.22 -12.75 -11.08
C PRO B 35 0.17 -13.23 -10.69
N GLY B 36 0.26 -14.49 -10.28
CA GLY B 36 1.54 -15.06 -9.90
C GLY B 36 1.26 -16.41 -9.27
N ASN B 37 1.77 -16.62 -8.06
CA ASN B 37 2.61 -15.64 -7.38
C ASN B 37 3.49 -16.31 -6.32
N ALA B 38 4.70 -15.79 -6.13
CA ALA B 38 5.65 -16.43 -5.23
C ALA B 38 6.16 -15.50 -4.12
N ARG B 39 5.49 -15.55 -2.97
CA ARG B 39 6.00 -14.90 -1.77
C ARG B 39 7.39 -15.43 -1.50
N LYS B 40 8.18 -14.69 -0.73
CA LYS B 40 7.71 -13.45 -0.13
C LYS B 40 8.17 -12.21 -0.87
N MET B 41 7.22 -11.46 -1.39
CA MET B 41 7.48 -10.07 -1.72
C MET B 41 7.45 -9.32 -0.40
N ASP B 42 8.33 -8.35 -0.24
CA ASP B 42 8.15 -7.37 0.82
C ASP B 42 7.00 -6.37 0.49
N LYS B 43 6.52 -5.69 1.52
CA LYS B 43 5.43 -4.73 1.35
C LYS B 43 5.54 -3.85 0.09
N SER B 44 6.70 -3.24 -0.14
CA SER B 44 6.86 -2.34 -1.29
C SER B 44 6.67 -3.06 -2.61
N THR B 45 7.16 -4.29 -2.66
CA THR B 45 7.04 -5.09 -3.85
C THR B 45 5.58 -5.39 -4.16
N VAL B 46 4.82 -5.74 -3.11
CA VAL B 46 3.40 -6.00 -3.28
C VAL B 46 2.74 -4.79 -3.95
N LEU B 47 3.06 -3.61 -3.42
CA LEU B 47 2.52 -2.36 -3.90
C LEU B 47 2.94 -2.14 -5.36
N GLN B 48 4.23 -2.28 -5.61
CA GLN B 48 4.81 -2.09 -6.93
C GLN B 48 4.17 -3.03 -7.95
N LYS B 49 4.06 -4.29 -7.59
CA LYS B 49 3.45 -5.27 -8.47
C LYS B 49 1.94 -5.06 -8.62
N SER B 50 1.28 -4.54 -7.58
CA SER B 50 -0.12 -4.14 -7.73
C SER B 50 -0.30 -3.03 -8.76
N ILE B 51 0.61 -2.06 -8.74
CA ILE B 51 0.59 -0.97 -9.70
C ILE B 51 0.77 -1.49 -11.13
N ASP B 52 1.75 -2.37 -11.32
CA ASP B 52 2.03 -2.97 -12.61
C ASP B 52 0.81 -3.68 -13.13
N PHE B 53 0.21 -4.48 -12.26
CA PHE B 53 -0.98 -5.19 -12.65
C PHE B 53 -2.09 -4.28 -13.17
N LEU B 54 -2.31 -3.15 -12.52
CA LEU B 54 -3.44 -2.33 -12.95
C LEU B 54 -3.12 -1.60 -14.26
N ARG B 55 -1.87 -1.18 -14.43
CA ARG B 55 -1.52 -0.48 -15.66
C ARG B 55 -1.66 -1.48 -16.81
N LYS B 56 -1.20 -2.70 -16.56
CA LYS B 56 -1.20 -3.78 -17.52
C LYS B 56 -2.63 -4.20 -17.88
N HIS B 57 -3.46 -4.42 -16.87
CA HIS B 57 -4.85 -4.72 -17.13
C HIS B 57 -5.51 -3.58 -17.89
N LYS B 58 -5.10 -2.35 -17.62
CA LYS B 58 -5.69 -1.21 -18.30
C LYS B 58 -5.36 -1.26 -19.79
N GLU B 59 -4.08 -1.36 -20.09
CA GLU B 59 -3.57 -1.45 -21.45
C GLU B 59 -4.27 -2.54 -22.26
N ILE B 60 -4.23 -3.76 -21.75
CA ILE B 60 -4.73 -4.92 -22.47
C ILE B 60 -6.21 -4.75 -22.71
N THR B 61 -6.90 -4.38 -21.64
CA THR B 61 -8.34 -4.23 -21.60
C THR B 61 -8.80 -3.11 -22.54
N ALA B 62 -8.09 -1.98 -22.55
CA ALA B 62 -8.36 -0.92 -23.51
C ALA B 62 -8.14 -1.42 -24.93
N TRP B 63 -6.95 -1.93 -25.18
CA TRP B 63 -6.60 -2.45 -26.49
C TRP B 63 -7.69 -3.33 -27.08
N LEU B 64 -8.24 -4.22 -26.28
CA LEU B 64 -9.26 -5.14 -26.74
C LEU B 64 -10.48 -4.46 -27.36
N GLU B 65 -10.43 -3.14 -27.48
CA GLU B 65 -11.47 -2.37 -28.18
C GLU B 65 -10.96 -1.00 -28.62
N HIS B 66 -11.03 -0.72 -29.91
CA HIS B 66 -10.60 0.56 -30.47
C HIS B 66 -9.15 0.94 -30.16
#